data_8ZPL
#
_entry.id   8ZPL
#
_cell.length_a   1.00
_cell.length_b   1.00
_cell.length_c   1.00
_cell.angle_alpha   90.00
_cell.angle_beta   90.00
_cell.angle_gamma   90.00
#
_symmetry.space_group_name_H-M   'P 1'
#
loop_
_entity.id
_entity.type
_entity.pdbx_description
1 polymer 'Nb6 nanobody'
2 polymer 'Soluble cytochrome b562,C-X-C chemokine receptor type 4'
3 non-polymer CHOLESTEROL
4 non-polymer (2S)-N-[[4-[[3-(cyclohexylamino)propylamino]methyl]phenyl]methyl]-5-(diaminomethylideneamino)-2-(pyridin-2-ylmethylamino)pentanamide
#
loop_
_entity_poly.entity_id
_entity_poly.type
_entity_poly.pdbx_seq_one_letter_code
_entity_poly.pdbx_strand_id
1 'polypeptide(L)'
;MLLVNQSHQGFNKEHTSKMVSAIVLYVLLAAAAHSAFAMAQVQLQESGGGLVQAGESLRLSCAASGTIFRLYDMGWYRRV
SGNQRELVASITSGGSTKYGDSVKGRFTISRDNAKNTVYLQMSSLKPEDTAVYYCNAEYRTGIWEELLDGWGQGTQVTVS
SHHHHHHHH
;
N
2 'polypeptide(L)'
;MKTIIALSYIFCLVFADYKDDDDKGSADLEDNWETLNDNLKVIEKADNAAQVKDALTKMRAAALDAQKATPPKLEDKSPD
SPEMKDFRHGFDILVGQIDDALKLANEGKVKEAQAAAEQLKTTRNAYIQKYLLVPRGSMEGISIYTSDNYTEEMGSGDYD
SMKEPCFREENANFNKIFLPTIYSIIFLTGIVGNGLVILVMGYQKKLRSMTDKYRLHLSVADLLFVITLPFWAVDAVANW
YFGNFLCKAVHVIYTVNLYSSVWILAFISLDRYLAIVHATNSQRPRKLLAEKVVYVGVWIPALLLTIPDFIFANVSEADD
RYICDRFYPNDLWVVVFQFQHIMVGLILPGIVILSCYCIIISRLKSVRLLSGSREKDRNLRRITRPTVILILAFFACWLP
YYIGISIDSFILLEIIKQGCEFENTVHKWISITEALAFFHCCLNPILYAFLGAKFKTSAQHALTSGRPLEVLFQGPHHHH
HHHHHH
;
R
#
loop_
_chem_comp.id
_chem_comp.type
_chem_comp.name
_chem_comp.formula
A1D8K non-polymer (2S)-N-[[4-[[3-(cyclohexylamino)propylamino]methyl]phenyl]methyl]-5-(diaminomethylideneamino)-2-(pyridin-2-ylmethylamino)pentanamide 'C29 H46 N8 O'
CLR non-polymer CHOLESTEROL 'C27 H46 O'
#
# COMPACT_ATOMS: atom_id res chain seq x y z
N GLN A 41 21.80 -0.74 10.84
CA GLN A 41 22.47 -1.60 11.80
C GLN A 41 22.29 -1.07 13.22
N VAL A 42 22.29 -1.99 14.19
CA VAL A 42 22.12 -1.64 15.59
C VAL A 42 23.40 -2.00 16.34
N GLN A 43 23.56 -1.42 17.53
CA GLN A 43 24.71 -1.66 18.36
C GLN A 43 24.26 -2.18 19.72
N LEU A 44 24.96 -3.21 20.21
CA LEU A 44 24.69 -3.80 21.51
C LEU A 44 25.93 -3.66 22.39
N GLN A 45 25.73 -3.17 23.61
CA GLN A 45 26.83 -2.98 24.57
C GLN A 45 26.57 -3.87 25.79
N GLU A 46 27.61 -4.59 26.21
CA GLU A 46 27.52 -5.50 27.34
C GLU A 46 28.37 -4.99 28.49
N SER A 47 27.89 -5.20 29.71
CA SER A 47 28.62 -4.81 30.91
C SER A 47 28.19 -5.70 32.07
N GLY A 48 29.07 -5.85 33.04
CA GLY A 48 28.78 -6.66 34.22
C GLY A 48 29.88 -7.64 34.56
N GLY A 49 30.94 -7.66 33.76
CA GLY A 49 32.05 -8.57 33.99
C GLY A 49 33.00 -8.06 35.06
N GLY A 50 33.99 -8.90 35.37
CA GLY A 50 34.99 -8.58 36.35
C GLY A 50 35.27 -9.79 37.22
N LEU A 51 35.81 -9.53 38.41
CA LEU A 51 36.14 -10.56 39.38
C LEU A 51 35.04 -10.65 40.41
N VAL A 52 34.46 -11.84 40.57
CA VAL A 52 33.35 -12.05 41.50
C VAL A 52 33.62 -13.33 42.28
N GLN A 53 33.04 -13.41 43.48
CA GLN A 53 33.20 -14.57 44.34
C GLN A 53 32.06 -15.57 44.11
N ALA A 54 32.31 -16.81 44.48
CA ALA A 54 31.31 -17.86 44.33
C ALA A 54 30.13 -17.64 45.26
N GLY A 55 28.93 -17.84 44.73
CA GLY A 55 27.73 -17.67 45.52
C GLY A 55 27.29 -16.23 45.71
N GLU A 56 27.93 -15.27 45.04
CA GLU A 56 27.60 -13.87 45.19
C GLU A 56 26.58 -13.47 44.11
N SER A 57 26.35 -12.16 43.97
CA SER A 57 25.35 -11.64 43.06
C SER A 57 25.99 -10.74 42.01
N LEU A 58 25.42 -10.77 40.81
CA LEU A 58 25.86 -9.91 39.71
C LEU A 58 24.63 -9.46 38.93
N ARG A 59 24.87 -8.58 37.95
CA ARG A 59 23.78 -8.07 37.12
C ARG A 59 24.37 -7.64 35.78
N LEU A 60 24.19 -8.47 34.76
CA LEU A 60 24.66 -8.14 33.42
C LEU A 60 23.65 -7.25 32.72
N SER A 61 24.14 -6.20 32.07
CA SER A 61 23.29 -5.27 31.33
C SER A 61 23.68 -5.32 29.86
N CYS A 62 22.69 -5.46 28.99
CA CYS A 62 22.89 -5.52 27.54
C CYS A 62 21.96 -4.50 26.90
N ALA A 63 22.51 -3.35 26.54
CA ALA A 63 21.73 -2.25 25.96
C ALA A 63 21.87 -2.26 24.45
N ALA A 64 20.77 -2.03 23.75
CA ALA A 64 20.74 -1.97 22.30
C ALA A 64 20.58 -0.53 21.85
N SER A 65 21.43 -0.09 20.94
CA SER A 65 21.41 1.28 20.45
C SER A 65 21.56 1.28 18.93
N GLY A 66 20.92 2.27 18.30
CA GLY A 66 21.02 2.42 16.86
C GLY A 66 19.67 2.59 16.18
N THR A 67 19.57 2.12 14.94
CA THR A 67 18.34 2.20 14.17
C THR A 67 17.45 1.03 14.56
N ILE A 68 16.59 1.26 15.56
CA ILE A 68 15.71 0.24 16.11
C ILE A 68 14.27 0.65 15.87
N PHE A 69 13.50 -0.24 15.27
CA PHE A 69 12.06 -0.07 15.15
C PHE A 69 11.28 -0.92 16.15
N ARG A 70 11.79 -2.11 16.47
CA ARG A 70 11.15 -2.99 17.44
C ARG A 70 12.12 -4.11 17.80
N LEU A 71 12.17 -4.47 19.08
CA LEU A 71 12.95 -5.60 19.56
C LEU A 71 12.00 -6.74 19.88
N TYR A 72 12.33 -7.94 19.39
CA TYR A 72 11.46 -9.11 19.56
C TYR A 72 11.93 -10.05 20.66
N ASP A 73 13.15 -10.58 20.55
CA ASP A 73 13.66 -11.56 21.49
C ASP A 73 15.05 -11.14 21.95
N MET A 74 15.28 -11.24 23.26
CA MET A 74 16.58 -10.95 23.84
C MET A 74 16.94 -12.09 24.79
N GLY A 75 18.14 -12.63 24.63
CA GLY A 75 18.55 -13.75 25.46
C GLY A 75 20.05 -13.79 25.65
N TRP A 76 20.48 -14.64 26.58
CA TRP A 76 21.89 -14.85 26.88
C TRP A 76 22.27 -16.27 26.48
N TYR A 77 23.41 -16.40 25.81
CA TYR A 77 23.84 -17.67 25.24
C TYR A 77 25.19 -18.06 25.80
N ARG A 78 25.72 -19.19 25.33
CA ARG A 78 27.02 -19.68 25.72
C ARG A 78 27.49 -20.76 24.75
N GLN A 84 26.78 -25.17 20.15
CA GLN A 84 27.86 -24.30 20.61
C GLN A 84 27.31 -23.20 21.51
N ARG A 85 26.39 -22.41 20.98
CA ARG A 85 25.77 -21.32 21.73
C ARG A 85 24.60 -21.87 22.54
N GLU A 86 24.93 -22.43 23.69
CA GLU A 86 23.92 -22.98 24.59
C GLU A 86 23.05 -21.87 25.15
N LEU A 87 21.73 -22.06 25.08
CA LEU A 87 20.79 -21.09 25.63
C LEU A 87 20.72 -21.27 27.14
N VAL A 88 21.17 -20.26 27.88
CA VAL A 88 21.17 -20.32 29.34
C VAL A 88 19.99 -19.52 29.87
N ALA A 89 19.53 -18.53 29.09
CA ALA A 89 18.39 -17.72 29.46
C ALA A 89 17.89 -16.93 28.26
N SER A 90 16.60 -17.04 27.96
CA SER A 90 16.00 -16.31 26.85
C SER A 90 14.63 -15.81 27.26
N ILE A 91 14.40 -14.51 27.10
CA ILE A 91 13.12 -13.89 27.42
C ILE A 91 12.59 -13.21 26.17
N THR A 92 11.33 -13.46 25.83
CA THR A 92 10.70 -12.83 24.69
C THR A 92 10.21 -11.43 25.08
N SER A 93 9.60 -10.75 24.11
CA SER A 93 9.05 -9.42 24.39
C SER A 93 7.87 -9.50 25.34
N GLY A 94 7.14 -10.62 25.32
CA GLY A 94 6.02 -10.81 26.23
C GLY A 94 6.39 -11.31 27.60
N GLY A 95 7.65 -11.65 27.83
CA GLY A 95 8.10 -12.14 29.11
C GLY A 95 8.17 -13.65 29.26
N SER A 96 8.00 -14.40 28.17
CA SER A 96 8.03 -15.86 28.24
C SER A 96 9.46 -16.37 28.42
N THR A 97 9.93 -16.40 29.66
CA THR A 97 11.28 -16.85 29.93
C THR A 97 11.41 -18.36 29.71
N LYS A 98 12.54 -18.77 29.15
CA LYS A 98 12.85 -20.18 28.90
C LYS A 98 14.26 -20.44 29.40
N TYR A 99 14.38 -20.79 30.68
CA TYR A 99 15.68 -21.01 31.28
C TYR A 99 16.26 -22.35 30.82
N GLY A 100 17.58 -22.47 30.94
CA GLY A 100 18.27 -23.67 30.55
C GLY A 100 18.19 -24.77 31.59
N ASP A 101 18.73 -25.93 31.22
CA ASP A 101 18.72 -27.08 32.12
C ASP A 101 19.55 -26.82 33.37
N SER A 102 20.72 -26.21 33.21
CA SER A 102 21.61 -25.94 34.33
C SER A 102 21.38 -24.56 34.94
N VAL A 103 20.38 -23.82 34.48
CA VAL A 103 20.09 -22.48 34.97
C VAL A 103 18.85 -22.46 35.85
N LYS A 104 18.31 -23.61 36.20
CA LYS A 104 17.11 -23.67 37.01
C LYS A 104 17.45 -23.34 38.47
N GLY A 105 16.77 -22.33 39.01
CA GLY A 105 16.94 -21.95 40.40
C GLY A 105 18.11 -21.04 40.69
N ARG A 106 18.99 -20.81 39.72
CA ARG A 106 20.16 -19.96 39.93
C ARG A 106 20.14 -18.67 39.14
N PHE A 107 19.54 -18.67 37.95
CA PHE A 107 19.54 -17.50 37.08
C PHE A 107 18.10 -17.02 36.88
N THR A 108 17.89 -15.73 37.09
CA THR A 108 16.60 -15.09 36.84
C THR A 108 16.81 -13.91 35.91
N ILE A 109 16.06 -13.88 34.81
CA ILE A 109 16.23 -12.87 33.79
C ILE A 109 15.16 -11.80 33.94
N SER A 110 15.45 -10.61 33.42
CA SER A 110 14.53 -9.49 33.45
C SER A 110 14.73 -8.67 32.19
N ARG A 111 13.69 -7.91 31.83
CA ARG A 111 13.71 -7.13 30.60
C ARG A 111 13.04 -5.79 30.83
N ASP A 112 13.64 -4.74 30.25
CA ASP A 112 13.07 -3.40 30.25
C ASP A 112 12.97 -2.96 28.80
N ASN A 113 11.78 -3.15 28.20
CA ASN A 113 11.60 -2.79 26.80
C ASN A 113 11.73 -1.29 26.57
N ALA A 114 11.35 -0.48 27.55
CA ALA A 114 11.45 0.97 27.41
C ALA A 114 12.91 1.39 27.26
N LYS A 115 13.81 0.79 28.03
CA LYS A 115 15.22 1.10 27.97
C LYS A 115 15.97 0.26 26.94
N ASN A 116 15.29 -0.68 26.27
CA ASN A 116 15.91 -1.55 25.27
C ASN A 116 17.09 -2.33 25.87
N THR A 117 16.89 -2.85 27.08
CA THR A 117 17.93 -3.57 27.81
C THR A 117 17.38 -4.86 28.38
N VAL A 118 18.26 -5.84 28.57
CA VAL A 118 17.94 -7.10 29.23
C VAL A 118 18.90 -7.30 30.39
N TYR A 119 18.37 -7.71 31.54
CA TYR A 119 19.15 -7.85 32.76
C TYR A 119 19.11 -9.30 33.21
N LEU A 120 20.29 -9.87 33.47
CA LEU A 120 20.43 -11.22 34.00
C LEU A 120 21.04 -11.16 35.38
N GLN A 121 20.44 -11.86 36.34
CA GLN A 121 20.91 -11.88 37.71
C GLN A 121 21.64 -13.19 37.99
N MET A 122 22.85 -13.08 38.51
CA MET A 122 23.70 -14.23 38.79
C MET A 122 23.63 -14.55 40.27
N SER A 123 23.22 -15.77 40.60
CA SER A 123 23.11 -16.21 41.99
C SER A 123 23.62 -17.62 42.12
N SER A 124 24.26 -17.91 43.27
CA SER A 124 24.82 -19.21 43.58
C SER A 124 25.79 -19.66 42.48
N LEU A 125 26.83 -18.84 42.28
CA LEU A 125 27.79 -19.10 41.22
C LEU A 125 28.53 -20.40 41.48
N LYS A 126 28.81 -21.12 40.40
CA LYS A 126 29.44 -22.43 40.45
C LYS A 126 30.69 -22.42 39.56
N PRO A 127 31.66 -23.30 39.83
CA PRO A 127 32.85 -23.34 38.98
C PRO A 127 32.55 -23.64 37.52
N GLU A 128 31.46 -24.34 37.24
CA GLU A 128 31.09 -24.61 35.85
C GLU A 128 30.52 -23.38 35.15
N ASP A 129 30.11 -22.36 35.91
CA ASP A 129 29.52 -21.16 35.32
C ASP A 129 30.56 -20.16 34.83
N THR A 130 31.85 -20.40 35.08
CA THR A 130 32.91 -19.51 34.64
C THR A 130 33.07 -19.63 33.13
N ALA A 131 32.50 -18.68 32.39
CA ALA A 131 32.55 -18.70 30.93
C ALA A 131 32.22 -17.30 30.42
N VAL A 132 32.32 -17.14 29.10
CA VAL A 132 32.03 -15.88 28.44
C VAL A 132 30.58 -15.90 27.97
N TYR A 133 29.84 -14.85 28.33
CA TYR A 133 28.41 -14.76 28.03
C TYR A 133 28.17 -13.75 26.93
N TYR A 134 27.39 -14.14 25.93
CA TYR A 134 27.09 -13.30 24.78
C TYR A 134 25.60 -12.95 24.79
N CYS A 135 25.30 -11.68 24.59
CA CYS A 135 23.92 -11.21 24.56
C CYS A 135 23.41 -11.22 23.12
N ASN A 136 22.24 -11.82 22.91
CA ASN A 136 21.61 -11.91 21.61
C ASN A 136 20.31 -11.12 21.61
N ALA A 137 20.00 -10.51 20.47
CA ALA A 137 18.78 -9.74 20.33
C ALA A 137 18.29 -9.86 18.89
N GLU A 138 16.99 -10.07 18.74
CA GLU A 138 16.33 -10.11 17.44
C GLU A 138 15.56 -8.81 17.26
N TYR A 139 15.87 -8.08 16.19
CA TYR A 139 15.33 -6.74 15.98
C TYR A 139 14.79 -6.64 14.56
N ARG A 140 14.36 -5.43 14.21
CA ARG A 140 13.85 -5.14 12.87
C ARG A 140 13.91 -3.64 12.68
N THR A 141 14.45 -3.19 11.54
CA THR A 141 14.65 -1.77 11.30
C THR A 141 13.47 -1.07 10.65
N GLY A 142 12.45 -1.81 10.23
CA GLY A 142 11.29 -1.20 9.60
C GLY A 142 10.20 -2.21 9.41
N ILE A 143 9.00 -1.70 9.12
CA ILE A 143 7.83 -2.56 8.96
C ILE A 143 8.04 -3.52 7.79
N TRP A 144 8.56 -3.03 6.68
CA TRP A 144 8.75 -3.84 5.48
C TRP A 144 10.07 -4.61 5.47
N GLU A 145 10.86 -4.50 6.53
CA GLU A 145 12.13 -5.19 6.59
C GLU A 145 11.97 -6.59 7.18
N GLU A 146 12.93 -7.46 6.90
CA GLU A 146 12.93 -8.81 7.41
C GLU A 146 13.44 -8.85 8.85
N LEU A 147 13.32 -10.02 9.48
CA LEU A 147 13.84 -10.20 10.82
C LEU A 147 15.37 -10.27 10.79
N LEU A 148 16.00 -9.58 11.73
CA LEU A 148 17.44 -9.53 11.82
C LEU A 148 17.92 -10.08 13.16
N ASP A 149 19.16 -10.55 13.16
CA ASP A 149 19.78 -11.15 14.34
C ASP A 149 21.04 -10.37 14.69
N GLY A 150 21.20 -10.08 15.98
CA GLY A 150 22.37 -9.37 16.45
C GLY A 150 23.07 -10.12 17.57
N TRP A 151 24.31 -9.72 17.83
CA TRP A 151 25.11 -10.34 18.87
C TRP A 151 25.94 -9.29 19.58
N GLY A 152 26.26 -9.55 20.84
CA GLY A 152 27.07 -8.65 21.64
C GLY A 152 28.54 -8.99 21.57
N GLN A 153 29.34 -8.13 22.21
CA GLN A 153 30.78 -8.33 22.23
C GLN A 153 31.17 -9.58 23.01
N GLY A 154 30.58 -9.76 24.19
CA GLY A 154 30.91 -10.90 25.04
C GLY A 154 31.43 -10.43 26.37
N THR A 155 30.88 -11.01 27.43
CA THR A 155 31.23 -10.67 28.80
C THR A 155 31.81 -11.89 29.50
N GLN A 156 32.98 -11.74 30.09
CA GLN A 156 33.67 -12.82 30.78
C GLN A 156 33.45 -12.71 32.29
N VAL A 157 33.02 -13.81 32.90
CA VAL A 157 32.76 -13.86 34.34
C VAL A 157 33.54 -15.02 34.92
N THR A 158 34.37 -14.74 35.93
CA THR A 158 35.17 -15.75 36.61
C THR A 158 34.77 -15.82 38.08
N VAL A 159 34.51 -17.02 38.57
CA VAL A 159 34.10 -17.23 39.96
C VAL A 159 35.33 -17.50 40.80
N SER A 160 35.52 -16.69 41.84
CA SER A 160 36.66 -16.87 42.74
C SER A 160 36.51 -18.14 43.56
N SER A 161 37.64 -18.74 43.92
CA SER A 161 37.64 -19.96 44.72
C SER A 161 38.84 -19.98 45.66
N ALA B 172 -9.92 31.97 -20.58
CA ALA B 172 -10.13 30.70 -21.28
C ALA B 172 -8.92 30.34 -22.13
N ASN B 173 -8.11 31.34 -22.47
CA ASN B 173 -6.91 31.10 -23.25
C ASN B 173 -5.93 30.21 -22.50
N PHE B 174 -5.76 30.46 -21.19
CA PHE B 174 -4.84 29.64 -20.41
C PHE B 174 -5.29 28.18 -20.38
N ASN B 175 -6.60 27.93 -20.20
CA ASN B 175 -7.09 26.56 -20.23
C ASN B 175 -6.91 25.94 -21.61
N LYS B 176 -7.21 26.71 -22.67
CA LYS B 176 -7.06 26.20 -24.02
C LYS B 176 -5.62 25.84 -24.34
N ILE B 177 -4.66 26.51 -23.71
CA ILE B 177 -3.25 26.18 -23.93
C ILE B 177 -2.78 25.08 -22.99
N PHE B 178 -3.35 24.98 -21.79
CA PHE B 178 -2.85 24.09 -20.76
C PHE B 178 -3.42 22.67 -20.87
N LEU B 179 -4.72 22.54 -21.08
CA LEU B 179 -5.34 21.21 -21.09
C LEU B 179 -4.79 20.28 -22.18
N PRO B 180 -4.68 20.69 -23.45
CA PRO B 180 -4.11 19.78 -24.44
C PRO B 180 -2.68 19.37 -24.14
N THR B 181 -1.88 20.24 -23.52
CA THR B 181 -0.51 19.88 -23.18
C THR B 181 -0.48 18.72 -22.19
N ILE B 182 -1.27 18.83 -21.12
CA ILE B 182 -1.32 17.78 -20.11
C ILE B 182 -1.90 16.50 -20.71
N TYR B 183 -2.96 16.63 -21.53
CA TYR B 183 -3.54 15.45 -22.15
C TYR B 183 -2.55 14.74 -23.05
N SER B 184 -1.78 15.51 -23.83
CA SER B 184 -0.78 14.90 -24.70
C SER B 184 0.34 14.23 -23.90
N ILE B 185 0.80 14.87 -22.83
CA ILE B 185 1.85 14.27 -22.02
C ILE B 185 1.36 12.95 -21.42
N ILE B 186 0.16 12.96 -20.86
CA ILE B 186 -0.39 11.76 -20.24
C ILE B 186 -0.61 10.66 -21.29
N PHE B 187 -1.10 11.03 -22.47
CA PHE B 187 -1.32 10.05 -23.53
C PHE B 187 -0.02 9.40 -23.95
N LEU B 188 1.00 10.22 -24.22
CA LEU B 188 2.29 9.68 -24.67
C LEU B 188 2.92 8.78 -23.61
N THR B 189 2.87 9.19 -22.34
CA THR B 189 3.45 8.34 -21.30
C THR B 189 2.64 7.06 -21.09
N GLY B 190 1.31 7.19 -21.03
CA GLY B 190 0.47 6.05 -20.71
C GLY B 190 0.46 4.99 -21.79
N ILE B 191 0.40 5.40 -23.06
CA ILE B 191 0.42 4.42 -24.14
C ILE B 191 1.65 3.54 -24.04
N VAL B 192 2.82 4.17 -23.93
CA VAL B 192 4.07 3.42 -23.89
C VAL B 192 4.13 2.54 -22.65
N GLY B 193 3.81 3.12 -21.49
CA GLY B 193 3.93 2.35 -20.26
C GLY B 193 3.00 1.16 -20.22
N ASN B 194 1.73 1.36 -20.55
CA ASN B 194 0.76 0.28 -20.46
C ASN B 194 0.99 -0.76 -21.55
N GLY B 195 1.37 -0.34 -22.76
CA GLY B 195 1.72 -1.31 -23.78
C GLY B 195 2.91 -2.16 -23.38
N LEU B 196 3.94 -1.53 -22.79
CA LEU B 196 5.11 -2.29 -22.36
C LEU B 196 4.76 -3.26 -21.24
N VAL B 197 3.95 -2.82 -20.28
CA VAL B 197 3.56 -3.71 -19.18
C VAL B 197 2.77 -4.90 -19.71
N ILE B 198 1.80 -4.64 -20.59
CA ILE B 198 0.98 -5.71 -21.12
C ILE B 198 1.82 -6.68 -21.94
N LEU B 199 2.73 -6.17 -22.78
CA LEU B 199 3.61 -7.05 -23.54
C LEU B 199 4.42 -7.93 -22.61
N VAL B 200 5.12 -7.32 -21.65
CA VAL B 200 6.04 -8.06 -20.78
C VAL B 200 5.30 -9.11 -19.98
N MET B 201 4.11 -8.79 -19.48
CA MET B 201 3.38 -9.77 -18.67
C MET B 201 2.74 -10.84 -19.54
N GLY B 202 1.84 -10.45 -20.43
CA GLY B 202 1.12 -11.42 -21.22
C GLY B 202 1.96 -12.09 -22.29
N TYR B 203 2.46 -11.33 -23.26
CA TYR B 203 3.04 -11.95 -24.43
C TYR B 203 4.45 -12.49 -24.19
N GLN B 204 5.13 -12.02 -23.15
CA GLN B 204 6.42 -12.56 -22.76
C GLN B 204 6.31 -13.63 -21.67
N LYS B 205 5.11 -13.86 -21.14
CA LYS B 205 4.84 -14.91 -20.17
C LYS B 205 5.72 -14.80 -18.93
N LYS B 206 6.12 -13.58 -18.57
CA LYS B 206 6.93 -13.37 -17.39
C LYS B 206 6.05 -13.37 -16.14
N LEU B 207 6.61 -12.89 -15.03
CA LEU B 207 5.97 -12.97 -13.72
C LEU B 207 4.51 -12.54 -13.77
N ARG B 208 3.61 -13.48 -13.47
CA ARG B 208 2.18 -13.21 -13.45
C ARG B 208 1.55 -13.82 -12.20
N SER B 209 2.15 -13.54 -11.05
CA SER B 209 1.56 -13.96 -9.78
C SER B 209 0.25 -13.21 -9.54
N MET B 210 -0.39 -13.50 -8.40
CA MET B 210 -1.74 -13.00 -8.15
C MET B 210 -1.79 -11.47 -8.26
N THR B 211 -0.91 -10.79 -7.52
CA THR B 211 -0.84 -9.34 -7.62
C THR B 211 -0.47 -8.90 -9.03
N ASP B 212 0.39 -9.67 -9.70
CA ASP B 212 0.74 -9.34 -11.08
C ASP B 212 -0.43 -9.59 -12.03
N LYS B 213 -1.26 -10.59 -11.77
CA LYS B 213 -2.49 -10.76 -12.56
C LYS B 213 -3.40 -9.56 -12.39
N TYR B 214 -3.60 -9.10 -11.15
CA TYR B 214 -4.42 -7.92 -10.92
C TYR B 214 -3.84 -6.71 -11.63
N ARG B 215 -2.52 -6.55 -11.59
CA ARG B 215 -1.92 -5.38 -12.21
C ARG B 215 -1.94 -5.47 -13.73
N LEU B 216 -1.95 -6.68 -14.29
CA LEU B 216 -2.17 -6.85 -15.73
C LEU B 216 -3.58 -6.40 -16.10
N HIS B 217 -4.58 -6.77 -15.30
CA HIS B 217 -5.93 -6.25 -15.51
C HIS B 217 -5.94 -4.73 -15.46
N LEU B 218 -5.22 -4.17 -14.48
CA LEU B 218 -5.14 -2.72 -14.31
C LEU B 218 -4.57 -2.05 -15.56
N SER B 219 -3.47 -2.61 -16.09
CA SER B 219 -2.84 -2.02 -17.27
C SER B 219 -3.71 -2.18 -18.51
N VAL B 220 -4.45 -3.29 -18.62
CA VAL B 220 -5.40 -3.43 -19.73
C VAL B 220 -6.42 -2.31 -19.69
N ALA B 221 -7.03 -2.09 -18.53
CA ALA B 221 -8.03 -1.01 -18.43
C ALA B 221 -7.42 0.35 -18.69
N ASP B 222 -6.21 0.59 -18.16
CA ASP B 222 -5.56 1.88 -18.34
C ASP B 222 -5.27 2.16 -19.80
N LEU B 223 -4.75 1.17 -20.53
CA LEU B 223 -4.49 1.34 -21.96
C LEU B 223 -5.78 1.58 -22.72
N LEU B 224 -6.83 0.83 -22.39
CA LEU B 224 -8.11 1.02 -23.06
C LEU B 224 -8.62 2.44 -22.89
N PHE B 225 -8.41 3.03 -21.72
CA PHE B 225 -8.81 4.42 -21.53
C PHE B 225 -7.89 5.38 -22.28
N VAL B 226 -6.57 5.14 -22.20
CA VAL B 226 -5.61 6.11 -22.71
C VAL B 226 -5.68 6.21 -24.24
N ILE B 227 -6.04 5.13 -24.93
CA ILE B 227 -6.07 5.17 -26.40
C ILE B 227 -7.12 6.16 -26.91
N THR B 228 -7.88 6.78 -26.01
CA THR B 228 -8.94 7.70 -26.40
C THR B 228 -8.68 9.14 -25.95
N LEU B 229 -7.45 9.46 -25.56
CA LEU B 229 -7.10 10.81 -25.12
C LEU B 229 -6.99 11.84 -26.25
N PRO B 230 -6.58 11.47 -27.47
CA PRO B 230 -6.60 12.45 -28.56
C PRO B 230 -7.97 13.09 -28.78
N PHE B 231 -9.06 12.34 -28.58
CA PHE B 231 -10.38 12.93 -28.66
C PHE B 231 -10.55 14.01 -27.59
N TRP B 232 -10.08 13.75 -26.37
CA TRP B 232 -10.14 14.77 -25.33
C TRP B 232 -9.35 16.01 -25.72
N ALA B 233 -8.15 15.82 -26.26
CA ALA B 233 -7.32 16.97 -26.64
C ALA B 233 -7.99 17.79 -27.73
N VAL B 234 -8.53 17.12 -28.75
CA VAL B 234 -9.17 17.84 -29.85
C VAL B 234 -10.43 18.56 -29.36
N ASP B 235 -11.18 17.94 -28.45
CA ASP B 235 -12.35 18.61 -27.89
C ASP B 235 -11.95 19.84 -27.09
N ALA B 236 -10.87 19.73 -26.32
CA ALA B 236 -10.45 20.86 -25.48
C ALA B 236 -9.86 22.00 -26.31
N VAL B 237 -9.24 21.69 -27.45
CA VAL B 237 -8.62 22.74 -28.25
C VAL B 237 -9.65 23.49 -29.09
N ALA B 238 -10.29 22.78 -30.02
CA ALA B 238 -11.13 23.46 -31.02
C ALA B 238 -12.60 23.06 -30.92
N ASN B 239 -12.92 21.78 -31.09
CA ASN B 239 -14.31 21.38 -31.33
C ASN B 239 -14.38 19.85 -31.28
N TRP B 240 -15.56 19.32 -31.61
CA TRP B 240 -15.79 17.89 -31.70
C TRP B 240 -16.48 17.59 -33.03
N TYR B 241 -15.73 17.04 -33.99
CA TYR B 241 -16.25 16.71 -35.30
C TYR B 241 -16.39 15.21 -35.52
N PHE B 242 -16.44 14.42 -34.45
CA PHE B 242 -16.29 12.98 -34.58
C PHE B 242 -17.63 12.25 -34.71
N GLY B 243 -18.58 12.53 -33.83
CA GLY B 243 -19.92 11.99 -33.96
C GLY B 243 -20.45 11.44 -32.66
N ASN B 244 -21.77 11.18 -32.68
CA ASN B 244 -22.48 10.72 -31.50
C ASN B 244 -22.00 9.33 -31.06
N PHE B 245 -21.76 8.44 -32.01
CA PHE B 245 -21.30 7.10 -31.66
C PHE B 245 -19.95 7.14 -30.97
N LEU B 246 -19.03 7.97 -31.47
CA LEU B 246 -17.72 8.10 -30.83
C LEU B 246 -17.83 8.79 -29.48
N CYS B 247 -18.73 9.76 -29.35
CA CYS B 247 -19.00 10.35 -28.03
C CYS B 247 -19.39 9.29 -27.03
N LYS B 248 -20.36 8.44 -27.40
CA LYS B 248 -20.81 7.38 -26.51
C LYS B 248 -19.68 6.42 -26.20
N ALA B 249 -18.88 6.05 -27.22
CA ALA B 249 -17.82 5.07 -27.01
C ALA B 249 -16.77 5.60 -26.03
N VAL B 250 -16.34 6.86 -26.19
CA VAL B 250 -15.32 7.38 -25.31
C VAL B 250 -15.87 7.55 -23.89
N HIS B 251 -17.14 7.93 -23.75
CA HIS B 251 -17.73 8.01 -22.41
C HIS B 251 -17.75 6.63 -21.75
N VAL B 252 -18.16 5.60 -22.49
CA VAL B 252 -18.23 4.25 -21.93
C VAL B 252 -16.86 3.78 -21.50
N ILE B 253 -15.84 4.01 -22.34
CA ILE B 253 -14.49 3.60 -21.99
C ILE B 253 -14.01 4.32 -20.74
N TYR B 254 -14.31 5.63 -20.65
CA TYR B 254 -13.91 6.42 -19.49
C TYR B 254 -14.51 5.82 -18.21
N THR B 255 -15.82 5.55 -18.22
CA THR B 255 -16.45 5.00 -17.02
C THR B 255 -15.90 3.62 -16.65
N VAL B 256 -15.73 2.75 -17.66
CA VAL B 256 -15.23 1.41 -17.38
C VAL B 256 -13.88 1.48 -16.71
N ASN B 257 -12.95 2.26 -17.28
CA ASN B 257 -11.62 2.37 -16.67
C ASN B 257 -11.70 2.97 -15.28
N LEU B 258 -12.52 4.03 -15.13
CA LEU B 258 -12.59 4.75 -13.87
C LEU B 258 -13.01 3.85 -12.73
N TYR B 259 -13.97 2.96 -12.97
CA TYR B 259 -14.40 2.08 -11.88
C TYR B 259 -13.52 0.86 -11.74
N SER B 260 -13.09 0.28 -12.86
CA SER B 260 -12.32 -0.96 -12.81
C SER B 260 -10.99 -0.76 -12.11
N SER B 261 -10.35 0.40 -12.30
CA SER B 261 -9.05 0.62 -11.67
C SER B 261 -9.14 0.57 -10.15
N VAL B 262 -10.06 1.35 -9.58
CA VAL B 262 -10.17 1.40 -8.12
C VAL B 262 -10.65 0.07 -7.55
N TRP B 263 -11.53 -0.64 -8.27
CA TRP B 263 -11.96 -1.92 -7.71
C TRP B 263 -10.91 -3.01 -7.86
N ILE B 264 -10.06 -2.96 -8.89
CA ILE B 264 -8.91 -3.86 -8.94
C ILE B 264 -7.96 -3.57 -7.78
N LEU B 265 -7.80 -2.29 -7.43
CA LEU B 265 -7.01 -1.95 -6.25
C LEU B 265 -7.60 -2.56 -4.99
N ALA B 266 -8.94 -2.48 -4.85
CA ALA B 266 -9.59 -3.09 -3.69
C ALA B 266 -9.39 -4.60 -3.66
N PHE B 267 -9.45 -5.25 -4.83
CA PHE B 267 -9.21 -6.69 -4.87
C PHE B 267 -7.77 -7.03 -4.50
N ILE B 268 -6.81 -6.20 -4.91
CA ILE B 268 -5.42 -6.38 -4.48
C ILE B 268 -5.32 -6.29 -2.97
N SER B 269 -5.99 -5.30 -2.38
CA SER B 269 -5.95 -5.16 -0.92
C SER B 269 -6.55 -6.37 -0.21
N LEU B 270 -7.68 -6.86 -0.72
CA LEU B 270 -8.32 -8.03 -0.11
C LEU B 270 -7.42 -9.26 -0.24
N ASP B 271 -6.77 -9.42 -1.39
CA ASP B 271 -5.83 -10.52 -1.56
C ASP B 271 -4.68 -10.42 -0.56
N ARG B 272 -4.17 -9.20 -0.34
CA ARG B 272 -3.10 -9.02 0.64
C ARG B 272 -3.55 -9.38 2.04
N TYR B 273 -4.76 -8.95 2.42
CA TYR B 273 -5.28 -9.30 3.75
C TYR B 273 -5.41 -10.82 3.90
N LEU B 274 -5.94 -11.49 2.89
CA LEU B 274 -6.05 -12.95 2.95
C LEU B 274 -4.68 -13.61 3.03
N ALA B 275 -3.70 -13.08 2.30
CA ALA B 275 -2.38 -13.69 2.30
C ALA B 275 -1.68 -13.53 3.63
N ILE B 276 -1.83 -12.38 4.28
CA ILE B 276 -1.06 -12.09 5.48
C ILE B 276 -1.75 -12.59 6.74
N VAL B 277 -3.04 -12.28 6.91
CA VAL B 277 -3.72 -12.66 8.15
C VAL B 277 -3.92 -14.17 8.22
N HIS B 278 -4.38 -14.78 7.13
CA HIS B 278 -4.62 -16.22 7.05
C HIS B 278 -3.61 -16.81 6.07
N ALA B 279 -2.43 -17.12 6.57
CA ALA B 279 -1.29 -17.45 5.72
C ALA B 279 -1.16 -18.95 5.42
N THR B 280 -2.10 -19.77 5.85
CA THR B 280 -2.00 -21.21 5.66
C THR B 280 -3.13 -21.81 4.84
N ASN B 281 -4.38 -21.42 5.10
CA ASN B 281 -5.53 -22.03 4.46
C ASN B 281 -6.11 -21.19 3.33
N SER B 282 -5.39 -20.17 2.87
CA SER B 282 -5.92 -19.21 1.92
C SER B 282 -5.64 -19.56 0.47
N GLN B 283 -4.95 -20.68 0.19
CA GLN B 283 -4.58 -20.98 -1.18
C GLN B 283 -5.80 -21.16 -2.07
N ARG B 284 -6.81 -21.90 -1.59
CA ARG B 284 -7.99 -22.11 -2.41
C ARG B 284 -8.83 -20.84 -2.55
N PRO B 285 -9.20 -20.12 -1.46
CA PRO B 285 -9.87 -18.82 -1.66
C PRO B 285 -8.86 -17.70 -1.87
N ARG B 286 -7.80 -17.99 -2.61
CA ARG B 286 -6.87 -16.98 -3.08
C ARG B 286 -6.64 -17.26 -4.55
N LYS B 287 -6.82 -18.52 -4.93
CA LYS B 287 -6.88 -18.90 -6.34
C LYS B 287 -8.25 -18.60 -6.93
N LEU B 288 -9.32 -18.98 -6.23
CA LEU B 288 -10.67 -18.75 -6.75
C LEU B 288 -10.96 -17.27 -6.89
N LEU B 289 -10.65 -16.48 -5.86
CA LEU B 289 -10.96 -15.06 -5.86
C LEU B 289 -10.22 -14.32 -6.97
N ALA B 290 -9.05 -14.81 -7.37
CA ALA B 290 -8.28 -14.18 -8.42
C ALA B 290 -8.57 -14.73 -9.80
N GLU B 291 -9.15 -15.92 -9.89
CA GLU B 291 -9.39 -16.54 -11.19
C GLU B 291 -10.83 -16.36 -11.70
N LYS B 292 -11.83 -16.47 -10.83
CA LYS B 292 -13.20 -16.38 -11.30
C LYS B 292 -14.01 -15.26 -10.66
N VAL B 293 -13.85 -15.04 -9.36
CA VAL B 293 -14.62 -14.00 -8.69
C VAL B 293 -14.22 -12.62 -9.16
N VAL B 294 -13.01 -12.45 -9.68
CA VAL B 294 -12.53 -11.12 -10.09
C VAL B 294 -13.40 -10.57 -11.21
N TYR B 295 -13.75 -11.41 -12.19
CA TYR B 295 -14.56 -10.94 -13.31
C TYR B 295 -15.94 -10.48 -12.83
N VAL B 296 -16.62 -11.33 -12.06
CA VAL B 296 -17.97 -11.01 -11.58
C VAL B 296 -17.95 -9.80 -10.66
N GLY B 297 -16.91 -9.65 -9.84
CA GLY B 297 -16.86 -8.54 -8.91
C GLY B 297 -16.28 -7.25 -9.43
N VAL B 298 -15.64 -7.26 -10.60
CA VAL B 298 -15.06 -6.04 -11.14
C VAL B 298 -15.69 -5.68 -12.48
N TRP B 299 -15.56 -6.58 -13.46
CA TRP B 299 -15.86 -6.19 -14.84
C TRP B 299 -17.35 -6.08 -15.10
N ILE B 300 -18.15 -7.03 -14.61
CA ILE B 300 -19.59 -6.99 -14.86
C ILE B 300 -20.25 -5.76 -14.24
N PRO B 301 -20.01 -5.42 -12.97
CA PRO B 301 -20.55 -4.14 -12.47
C PRO B 301 -20.00 -2.94 -13.21
N ALA B 302 -18.73 -2.99 -13.63
CA ALA B 302 -18.16 -1.88 -14.39
C ALA B 302 -18.89 -1.69 -15.71
N LEU B 303 -19.18 -2.80 -16.41
CA LEU B 303 -19.93 -2.70 -17.66
C LEU B 303 -21.36 -2.25 -17.42
N LEU B 304 -22.00 -2.78 -16.36
CA LEU B 304 -23.39 -2.44 -16.09
C LEU B 304 -23.55 -0.99 -15.63
N LEU B 305 -22.51 -0.37 -15.10
CA LEU B 305 -22.57 1.02 -14.70
C LEU B 305 -22.45 1.98 -15.88
N THR B 306 -22.21 1.48 -17.09
CA THR B 306 -22.09 2.31 -18.28
C THR B 306 -23.41 2.52 -19.00
N ILE B 307 -24.51 1.98 -18.48
CA ILE B 307 -25.81 2.25 -19.08
C ILE B 307 -26.11 3.74 -19.14
N PRO B 308 -25.83 4.55 -18.11
CA PRO B 308 -25.95 6.00 -18.29
C PRO B 308 -25.09 6.56 -19.40
N ASP B 309 -23.93 5.94 -19.66
CA ASP B 309 -23.09 6.39 -20.76
C ASP B 309 -23.57 5.88 -22.11
N PHE B 310 -24.50 4.93 -22.14
CA PHE B 310 -25.18 4.56 -23.37
C PHE B 310 -26.43 5.37 -23.61
N ILE B 311 -27.06 5.87 -22.56
CA ILE B 311 -28.31 6.60 -22.71
C ILE B 311 -28.08 8.10 -22.85
N PHE B 312 -27.18 8.67 -22.05
CA PHE B 312 -27.07 10.12 -21.92
C PHE B 312 -25.97 10.74 -22.76
N ALA B 313 -24.92 10.00 -23.11
CA ALA B 313 -23.83 10.57 -23.89
C ALA B 313 -24.32 10.98 -25.27
N ASN B 314 -24.16 12.26 -25.59
CA ASN B 314 -24.65 12.79 -26.85
C ASN B 314 -23.80 13.98 -27.27
N VAL B 315 -23.93 14.36 -28.53
CA VAL B 315 -23.23 15.52 -29.09
C VAL B 315 -24.24 16.64 -29.24
N SER B 316 -23.95 17.78 -28.62
CA SER B 316 -24.85 18.92 -28.65
C SER B 316 -24.51 19.82 -29.83
N GLU B 317 -25.28 20.90 -29.98
CA GLU B 317 -25.14 21.84 -31.08
C GLU B 317 -25.00 23.25 -30.53
N ALA B 318 -24.08 23.43 -29.57
CA ALA B 318 -23.81 24.75 -29.03
C ALA B 318 -23.35 25.69 -30.13
N ASP B 319 -23.41 26.99 -29.84
CA ASP B 319 -23.09 28.00 -30.85
C ASP B 319 -21.60 27.95 -31.18
N ASP B 320 -21.29 27.90 -32.48
CA ASP B 320 -19.96 28.04 -33.04
C ASP B 320 -19.08 26.82 -32.76
N ARG B 321 -19.59 25.86 -31.98
CA ARG B 321 -18.80 24.66 -31.70
C ARG B 321 -19.71 23.58 -31.12
N TYR B 322 -19.36 22.33 -31.41
CA TYR B 322 -20.06 21.17 -30.87
C TYR B 322 -19.44 20.74 -29.54
N ILE B 323 -20.25 20.10 -28.70
CA ILE B 323 -19.84 19.65 -27.38
C ILE B 323 -20.24 18.20 -27.21
N CYS B 324 -19.29 17.37 -26.81
CA CYS B 324 -19.54 15.96 -26.47
C CYS B 324 -19.58 15.82 -24.96
N ASP B 325 -20.78 15.62 -24.41
CA ASP B 325 -20.92 15.50 -22.97
C ASP B 325 -22.24 14.80 -22.67
N ARG B 326 -22.34 14.27 -21.44
CA ARG B 326 -23.56 13.61 -21.00
C ARG B 326 -24.62 14.65 -20.66
N PHE B 327 -25.83 14.44 -21.18
CA PHE B 327 -26.92 15.41 -21.03
C PHE B 327 -28.08 14.75 -20.26
N TYR B 328 -28.14 15.03 -18.97
CA TYR B 328 -29.22 14.55 -18.12
C TYR B 328 -30.45 15.44 -18.27
N PRO B 329 -31.63 14.93 -17.88
CA PRO B 329 -32.83 15.78 -17.92
C PRO B 329 -32.71 17.04 -17.07
N ASN B 330 -32.06 16.98 -15.92
CA ASN B 330 -31.90 18.16 -15.07
C ASN B 330 -30.73 17.93 -14.13
N ASP B 331 -30.56 18.83 -13.16
CA ASP B 331 -29.42 18.79 -12.25
C ASP B 331 -29.54 17.72 -11.18
N LEU B 332 -30.74 17.21 -10.93
CA LEU B 332 -30.89 16.17 -9.92
C LEU B 332 -30.12 14.92 -10.30
N TRP B 333 -30.18 14.53 -11.57
CA TRP B 333 -29.35 13.42 -12.05
C TRP B 333 -27.88 13.74 -11.94
N VAL B 334 -27.49 15.00 -12.16
CA VAL B 334 -26.09 15.38 -12.02
C VAL B 334 -25.62 15.13 -10.60
N VAL B 335 -26.40 15.58 -9.62
CA VAL B 335 -26.04 15.38 -8.22
C VAL B 335 -26.00 13.90 -7.87
N VAL B 336 -27.02 13.15 -8.33
CA VAL B 336 -27.09 11.73 -7.99
C VAL B 336 -25.91 10.96 -8.57
N PHE B 337 -25.56 11.23 -9.82
CA PHE B 337 -24.45 10.52 -10.44
C PHE B 337 -23.11 10.96 -9.88
N GLN B 338 -22.98 12.24 -9.50
CA GLN B 338 -21.76 12.67 -8.81
C GLN B 338 -21.59 11.93 -7.49
N PHE B 339 -22.67 11.81 -6.72
CA PHE B 339 -22.58 11.10 -5.45
C PHE B 339 -22.30 9.62 -5.65
N GLN B 340 -22.92 9.00 -6.65
CA GLN B 340 -22.65 7.59 -6.94
C GLN B 340 -21.19 7.39 -7.36
N HIS B 341 -20.67 8.29 -8.20
CA HIS B 341 -19.27 8.24 -8.57
C HIS B 341 -18.37 8.35 -7.34
N ILE B 342 -18.66 9.33 -6.47
CA ILE B 342 -17.85 9.51 -5.27
C ILE B 342 -17.87 8.24 -4.43
N MET B 343 -19.05 7.69 -4.17
CA MET B 343 -19.18 6.47 -3.38
C MET B 343 -18.37 5.34 -3.99
N VAL B 344 -18.78 4.89 -5.19
CA VAL B 344 -18.20 3.68 -5.78
C VAL B 344 -16.72 3.85 -6.11
N GLY B 345 -16.22 5.07 -6.30
CA GLY B 345 -14.84 5.22 -6.66
C GLY B 345 -13.91 5.65 -5.54
N LEU B 346 -14.45 6.13 -4.42
CA LEU B 346 -13.61 6.58 -3.32
C LEU B 346 -13.90 5.86 -2.01
N ILE B 347 -15.17 5.73 -1.63
CA ILE B 347 -15.50 5.39 -0.25
C ILE B 347 -15.51 3.88 -0.03
N LEU B 348 -16.33 3.15 -0.81
CA LEU B 348 -16.40 1.70 -0.63
C LEU B 348 -15.06 1.02 -0.87
N PRO B 349 -14.37 1.23 -2.00
CA PRO B 349 -13.01 0.69 -2.09
C PRO B 349 -12.08 1.28 -1.06
N GLY B 350 -12.25 2.56 -0.75
CA GLY B 350 -11.45 3.18 0.29
C GLY B 350 -11.64 2.52 1.64
N ILE B 351 -12.90 2.21 1.98
CA ILE B 351 -13.18 1.56 3.26
C ILE B 351 -12.59 0.15 3.28
N VAL B 352 -12.74 -0.59 2.19
CA VAL B 352 -12.16 -1.94 2.13
C VAL B 352 -10.65 -1.87 2.30
N ILE B 353 -10.00 -0.93 1.62
CA ILE B 353 -8.54 -0.81 1.71
C ILE B 353 -8.12 -0.36 3.11
N LEU B 354 -8.85 0.58 3.71
CA LEU B 354 -8.57 0.98 5.09
C LEU B 354 -8.61 -0.22 6.02
N SER B 355 -9.67 -1.01 5.95
CA SER B 355 -9.79 -2.16 6.85
C SER B 355 -8.65 -3.14 6.62
N CYS B 356 -8.43 -3.53 5.36
CA CYS B 356 -7.42 -4.53 5.05
C CYS B 356 -6.04 -4.06 5.51
N TYR B 357 -5.68 -2.82 5.20
CA TYR B 357 -4.33 -2.38 5.51
C TYR B 357 -4.15 -2.00 6.96
N CYS B 358 -5.22 -1.56 7.65
CA CYS B 358 -5.12 -1.38 9.09
C CYS B 358 -4.83 -2.70 9.78
N ILE B 359 -5.56 -3.76 9.41
CA ILE B 359 -5.28 -5.07 9.99
C ILE B 359 -3.88 -5.54 9.61
N ILE B 360 -3.50 -5.35 8.35
CA ILE B 360 -2.20 -5.82 7.88
C ILE B 360 -1.06 -5.14 8.64
N ILE B 361 -1.15 -3.83 8.81
CA ILE B 361 -0.10 -3.08 9.50
C ILE B 361 -0.10 -3.40 10.98
N SER B 362 -1.27 -3.60 11.58
CA SER B 362 -1.29 -4.05 12.97
C SER B 362 -0.63 -5.40 13.14
N ARG B 363 -0.68 -6.25 12.10
CA ARG B 363 -0.01 -7.54 12.17
C ARG B 363 1.48 -7.46 11.81
N LEU B 364 1.88 -6.51 10.98
CA LEU B 364 3.28 -6.45 10.55
C LEU B 364 4.20 -5.92 11.65
N LYS B 365 3.70 -5.03 12.50
CA LYS B 365 4.49 -4.45 13.56
C LYS B 365 4.30 -5.14 14.91
N SER B 366 3.53 -6.22 14.96
CA SER B 366 3.32 -6.96 16.20
C SER B 366 3.68 -8.43 16.10
N VAL B 367 3.53 -9.04 14.94
CA VAL B 367 3.85 -10.46 14.76
C VAL B 367 5.35 -10.57 14.52
N ARG B 368 6.02 -11.39 15.34
CA ARG B 368 7.46 -11.53 15.23
C ARG B 368 7.86 -12.11 13.88
N LEU B 369 7.10 -13.08 13.39
CA LEU B 369 7.48 -13.80 12.17
C LEU B 369 6.21 -14.32 11.51
N LEU B 370 5.85 -13.75 10.36
CA LEU B 370 4.71 -14.24 9.61
C LEU B 370 4.97 -15.63 9.08
N SER B 371 3.90 -16.40 8.92
CA SER B 371 3.97 -17.82 8.54
C SER B 371 4.85 -18.52 9.57
N GLY B 372 5.90 -19.23 9.19
CA GLY B 372 6.77 -19.86 10.17
C GLY B 372 8.22 -19.83 9.79
N SER B 373 8.56 -19.12 8.70
CA SER B 373 9.93 -19.06 8.21
C SER B 373 10.27 -17.63 7.85
N ARG B 374 11.58 -17.33 7.88
CA ARG B 374 12.05 -15.99 7.58
C ARG B 374 11.81 -15.63 6.11
N GLU B 375 12.04 -16.59 5.20
CA GLU B 375 11.91 -16.29 3.78
C GLU B 375 10.48 -15.92 3.40
N LYS B 376 9.50 -16.64 3.95
CA LYS B 376 8.11 -16.30 3.68
C LYS B 376 7.76 -14.93 4.25
N ASP B 377 8.27 -14.61 5.43
CA ASP B 377 8.05 -13.30 6.02
C ASP B 377 8.55 -12.18 5.10
N ARG B 378 9.82 -12.28 4.67
CA ARG B 378 10.36 -11.22 3.84
C ARG B 378 9.70 -11.16 2.47
N ASN B 379 9.31 -12.31 1.91
CA ASN B 379 8.57 -12.31 0.65
C ASN B 379 7.24 -11.58 0.81
N LEU B 380 6.53 -11.84 1.92
CA LEU B 380 5.25 -11.16 2.15
C LEU B 380 5.45 -9.65 2.27
N ARG B 381 6.47 -9.22 3.00
CA ARG B 381 6.71 -7.78 3.14
C ARG B 381 7.03 -7.14 1.79
N ARG B 382 7.91 -7.80 1.01
CA ARG B 382 8.33 -7.25 -0.27
C ARG B 382 7.17 -7.17 -1.25
N ILE B 383 6.26 -8.16 -1.22
CA ILE B 383 5.10 -8.10 -2.09
C ILE B 383 4.11 -7.05 -1.61
N THR B 384 4.00 -6.84 -0.29
CA THR B 384 2.97 -5.96 0.24
C THR B 384 3.31 -4.49 0.01
N ARG B 385 4.58 -4.11 0.16
CA ARG B 385 4.93 -2.68 0.14
C ARG B 385 4.54 -1.94 -1.15
N PRO B 386 4.85 -2.45 -2.36
CA PRO B 386 4.49 -1.70 -3.56
C PRO B 386 3.00 -1.44 -3.70
N THR B 387 2.16 -2.34 -3.21
CA THR B 387 0.73 -2.09 -3.25
C THR B 387 0.35 -0.90 -2.38
N VAL B 388 1.01 -0.76 -1.22
CA VAL B 388 0.77 0.39 -0.37
C VAL B 388 1.16 1.67 -1.09
N ILE B 389 2.33 1.68 -1.72
CA ILE B 389 2.76 2.87 -2.44
C ILE B 389 1.80 3.20 -3.58
N LEU B 390 1.36 2.18 -4.32
CA LEU B 390 0.46 2.38 -5.44
C LEU B 390 -0.87 2.97 -4.97
N ILE B 391 -1.42 2.42 -3.89
CA ILE B 391 -2.70 2.91 -3.38
C ILE B 391 -2.58 4.35 -2.90
N LEU B 392 -1.49 4.66 -2.18
CA LEU B 392 -1.30 6.03 -1.70
C LEU B 392 -1.16 7.00 -2.86
N ALA B 393 -0.39 6.63 -3.89
CA ALA B 393 -0.24 7.51 -5.05
C ALA B 393 -1.57 7.70 -5.78
N PHE B 394 -2.34 6.63 -5.95
CA PHE B 394 -3.63 6.72 -6.61
C PHE B 394 -4.55 7.69 -5.88
N PHE B 395 -4.65 7.53 -4.56
CA PHE B 395 -5.57 8.37 -3.81
C PHE B 395 -5.09 9.82 -3.72
N ALA B 396 -3.77 10.03 -3.63
CA ALA B 396 -3.25 11.40 -3.65
C ALA B 396 -3.51 12.07 -4.99
N CYS B 397 -3.37 11.33 -6.09
CA CYS B 397 -3.67 11.89 -7.40
C CYS B 397 -5.13 12.25 -7.54
N TRP B 398 -6.04 11.39 -7.04
CA TRP B 398 -7.46 11.62 -7.26
C TRP B 398 -8.13 12.52 -6.22
N LEU B 399 -7.49 12.77 -5.07
CA LEU B 399 -8.18 13.47 -4.00
C LEU B 399 -8.59 14.91 -4.32
N PRO B 400 -7.71 15.78 -4.84
CA PRO B 400 -8.15 17.18 -5.06
C PRO B 400 -9.31 17.30 -6.03
N TYR B 401 -9.40 16.43 -7.03
CA TYR B 401 -10.56 16.42 -7.90
C TYR B 401 -11.83 16.10 -7.11
N TYR B 402 -11.73 15.14 -6.17
CA TYR B 402 -12.89 14.80 -5.36
C TYR B 402 -13.29 15.95 -4.45
N ILE B 403 -12.31 16.69 -3.91
CA ILE B 403 -12.63 17.86 -3.11
C ILE B 403 -13.35 18.90 -3.96
N GLY B 404 -12.84 19.13 -5.17
CA GLY B 404 -13.48 20.10 -6.06
C GLY B 404 -14.91 19.72 -6.40
N ILE B 405 -15.14 18.44 -6.73
CA ILE B 405 -16.49 18.04 -7.11
C ILE B 405 -17.40 17.99 -5.89
N SER B 406 -16.86 17.79 -4.68
CA SER B 406 -17.69 17.89 -3.48
C SER B 406 -18.16 19.32 -3.27
N ILE B 407 -17.25 20.29 -3.41
CA ILE B 407 -17.65 21.69 -3.29
C ILE B 407 -18.65 22.04 -4.38
N ASP B 408 -18.43 21.53 -5.59
CA ASP B 408 -19.35 21.79 -6.70
C ASP B 408 -20.73 21.21 -6.42
N SER B 409 -20.78 20.00 -5.87
CA SER B 409 -22.06 19.38 -5.53
C SER B 409 -22.78 20.19 -4.46
N PHE B 410 -22.04 20.68 -3.46
CA PHE B 410 -22.67 21.53 -2.45
C PHE B 410 -23.17 22.83 -3.07
N ILE B 411 -22.48 23.34 -4.09
CA ILE B 411 -22.99 24.49 -4.82
C ILE B 411 -24.31 24.14 -5.50
N LEU B 412 -24.38 22.97 -6.13
CA LEU B 412 -25.63 22.51 -6.73
C LEU B 412 -26.70 22.32 -5.68
N LEU B 413 -26.34 21.76 -4.52
CA LEU B 413 -27.30 21.58 -3.44
C LEU B 413 -27.72 22.89 -2.79
N GLU B 414 -27.21 24.02 -3.26
CA GLU B 414 -27.59 25.36 -2.83
C GLU B 414 -27.23 25.64 -1.38
N ILE B 415 -26.41 24.79 -0.76
CA ILE B 415 -25.95 25.07 0.60
C ILE B 415 -24.96 26.24 0.60
N ILE B 416 -24.02 26.24 -0.34
CA ILE B 416 -23.00 27.26 -0.44
C ILE B 416 -23.47 28.31 -1.44
N LYS B 417 -23.56 29.56 -1.00
CA LYS B 417 -23.99 30.67 -1.85
C LYS B 417 -22.90 31.73 -1.89
N GLN B 418 -22.39 31.99 -3.09
CA GLN B 418 -21.40 33.03 -3.32
C GLN B 418 -21.66 33.66 -4.68
N GLY B 419 -20.78 34.57 -5.09
CA GLY B 419 -20.90 35.18 -6.39
C GLY B 419 -20.42 34.27 -7.50
N CYS B 420 -20.83 34.60 -8.73
CA CYS B 420 -20.49 33.78 -9.89
C CYS B 420 -18.99 33.65 -10.09
N GLU B 421 -18.21 34.59 -9.56
CA GLU B 421 -16.75 34.45 -9.59
C GLU B 421 -16.32 33.20 -8.85
N PHE B 422 -16.97 32.90 -7.73
CA PHE B 422 -16.64 31.70 -6.97
C PHE B 422 -16.91 30.44 -7.78
N GLU B 423 -18.07 30.38 -8.46
CA GLU B 423 -18.39 29.22 -9.27
C GLU B 423 -17.42 29.07 -10.44
N ASN B 424 -17.07 30.19 -11.10
CA ASN B 424 -16.11 30.11 -12.19
C ASN B 424 -14.75 29.62 -11.72
N THR B 425 -14.29 30.13 -10.56
CA THR B 425 -13.02 29.66 -10.02
C THR B 425 -13.07 28.19 -9.67
N VAL B 426 -14.19 27.73 -9.10
CA VAL B 426 -14.34 26.32 -8.76
C VAL B 426 -14.32 25.46 -10.02
N HIS B 427 -14.98 25.93 -11.09
CA HIS B 427 -14.99 25.15 -12.33
C HIS B 427 -13.61 25.06 -12.95
N LYS B 428 -12.86 26.17 -12.96
CA LYS B 428 -11.47 26.11 -13.45
C LYS B 428 -10.65 25.15 -12.60
N TRP B 429 -10.81 25.23 -11.27
CA TRP B 429 -10.14 24.32 -10.36
C TRP B 429 -10.44 22.86 -10.71
N ILE B 430 -11.72 22.55 -10.92
CA ILE B 430 -12.12 21.17 -11.17
C ILE B 430 -11.57 20.68 -12.51
N SER B 431 -11.64 21.51 -13.55
CA SER B 431 -11.14 21.08 -14.86
C SER B 431 -9.64 20.81 -14.81
N ILE B 432 -8.88 21.75 -14.25
CA ILE B 432 -7.43 21.58 -14.16
C ILE B 432 -7.10 20.36 -13.31
N THR B 433 -7.81 20.18 -12.19
CA THR B 433 -7.50 19.09 -11.29
C THR B 433 -7.88 17.74 -11.87
N GLU B 434 -8.93 17.67 -12.68
CA GLU B 434 -9.25 16.42 -13.37
C GLU B 434 -8.19 16.09 -14.41
N ALA B 435 -7.75 17.10 -15.18
CA ALA B 435 -6.67 16.86 -16.13
C ALA B 435 -5.42 16.35 -15.42
N LEU B 436 -5.12 16.89 -14.24
CA LEU B 436 -3.96 16.42 -13.49
C LEU B 436 -4.19 15.07 -12.84
N ALA B 437 -5.42 14.76 -12.45
CA ALA B 437 -5.74 13.48 -11.82
C ALA B 437 -5.74 12.35 -12.82
N PHE B 438 -5.86 12.65 -14.12
CA PHE B 438 -5.68 11.63 -15.13
C PHE B 438 -4.27 11.03 -15.13
N PHE B 439 -3.36 11.54 -14.30
CA PHE B 439 -2.02 10.99 -14.18
C PHE B 439 -2.00 9.63 -13.50
N HIS B 440 -3.13 9.18 -12.93
CA HIS B 440 -3.17 7.87 -12.30
C HIS B 440 -2.90 6.74 -13.28
N CYS B 441 -3.10 6.96 -14.57
CA CYS B 441 -2.87 5.93 -15.57
C CYS B 441 -1.40 5.58 -15.74
N CYS B 442 -0.49 6.40 -15.21
CA CYS B 442 0.94 6.16 -15.33
C CYS B 442 1.56 5.58 -14.07
N LEU B 443 0.77 5.25 -13.06
CA LEU B 443 1.34 4.82 -11.79
C LEU B 443 1.95 3.42 -11.88
N ASN B 444 1.26 2.47 -12.51
CA ASN B 444 1.80 1.12 -12.61
C ASN B 444 3.11 1.05 -13.38
N PRO B 445 3.23 1.62 -14.59
CA PRO B 445 4.55 1.58 -15.26
C PRO B 445 5.63 2.30 -14.49
N ILE B 446 5.32 3.44 -13.89
CA ILE B 446 6.33 4.18 -13.11
C ILE B 446 6.76 3.37 -11.90
N LEU B 447 5.81 2.66 -11.27
CA LEU B 447 6.17 1.84 -10.12
C LEU B 447 7.00 0.63 -10.51
N TYR B 448 6.71 0.03 -11.67
CA TYR B 448 7.59 -1.03 -12.15
C TYR B 448 8.99 -0.49 -12.45
N ALA B 449 9.08 0.70 -13.02
CA ALA B 449 10.38 1.28 -13.31
C ALA B 449 11.17 1.54 -12.03
N PHE B 450 10.53 2.17 -11.04
CA PHE B 450 11.24 2.53 -9.81
C PHE B 450 11.60 1.29 -8.99
N LEU B 451 10.63 0.41 -8.76
CA LEU B 451 10.84 -0.75 -7.90
C LEU B 451 11.46 -1.94 -8.62
N GLY B 452 11.48 -1.92 -9.96
CA GLY B 452 12.09 -3.01 -10.71
C GLY B 452 13.53 -2.72 -11.08
N ALA B 453 14.33 -2.33 -10.10
CA ALA B 453 15.74 -2.04 -10.34
C ALA B 453 16.62 -3.20 -9.90
C1 CLR C . 0.51 2.80 5.24
C2 CLR C . 2.00 3.08 5.39
C3 CLR C . 2.36 3.65 6.75
C4 CLR C . 1.50 4.87 7.09
C5 CLR C . 0.42 5.12 6.07
C6 CLR C . 0.24 6.36 5.59
C7 CLR C . -0.89 6.75 4.69
C8 CLR C . -1.99 5.70 4.64
C9 CLR C . -1.37 4.30 4.49
C10 CLR C . -0.43 3.94 5.68
C11 CLR C . -2.43 3.23 4.23
C12 CLR C . -3.44 3.59 3.13
C13 CLR C . -4.09 4.96 3.38
C14 CLR C . -2.94 5.96 3.48
C15 CLR C . -3.61 7.31 3.39
C16 CLR C . -4.65 7.09 2.29
C17 CLR C . -4.94 5.56 2.22
C18 CLR C . -4.92 4.94 4.67
C19 CLR C . -1.26 3.51 6.90
C20 CLR C . -6.43 5.28 2.17
C21 CLR C . -6.75 3.87 1.66
C22 CLR C . -7.13 6.32 1.28
C23 CLR C . -8.27 7.11 1.92
C24 CLR C . -9.58 6.31 1.96
C25 CLR C . -10.80 7.14 2.36
C26 CLR C . -12.01 6.24 2.61
C27 CLR C . -11.13 8.19 1.31
O1 CLR C . 2.24 2.64 7.71
C1 CLR D . 6.90 7.79 -2.50
C2 CLR D . 7.70 6.87 -1.57
C3 CLR D . 8.12 7.61 -0.32
C4 CLR D . 6.88 8.15 0.39
C5 CLR D . 6.05 9.03 -0.51
C6 CLR D . 5.74 10.26 -0.14
C7 CLR D . 4.94 11.22 -0.97
C8 CLR D . 4.22 10.55 -2.12
C9 CLR D . 5.15 9.54 -2.81
C10 CLR D . 5.65 8.43 -1.86
C11 CLR D . 4.51 8.97 -4.09
C12 CLR D . 3.98 10.06 -5.04
C13 CLR D . 3.01 11.01 -4.35
C14 CLR D . 3.76 11.58 -3.13
C15 CLR D . 2.86 12.72 -2.65
C16 CLR D . 2.29 13.30 -3.95
C17 CLR D . 2.68 12.32 -5.11
C18 CLR D . 1.73 10.31 -3.92
C19 CLR D . 4.58 7.36 -1.61
C20 CLR D . 1.64 12.29 -6.23
C21 CLR D . 2.23 11.89 -7.59
C22 CLR D . 0.93 13.64 -6.34
C23 CLR D . 0.27 13.94 -7.68
C24 CLR D . -0.77 15.05 -7.60
C25 CLR D . -1.67 15.17 -8.82
C26 CLR D . -2.66 16.34 -8.64
C27 CLR D . -0.87 15.34 -10.10
O1 CLR D . 8.85 6.73 0.50
C1 A1D8K E . -15.33 12.71 -24.02
C10 A1D8K E . -13.75 19.68 -17.57
C11 A1D8K E . -14.66 19.37 -16.40
C12 A1D8K E . -14.57 18.16 -15.73
C13 A1D8K E . -15.40 17.89 -14.67
C14 A1D8K E . -16.33 18.81 -14.25
C15 A1D8K E . -16.42 20.01 -14.91
C16 A1D8K E . -15.59 20.30 -15.98
C17 A1D8K E . -17.25 18.53 -13.09
C18 A1D8K E . -19.50 19.35 -13.12
C19 A1D8K E . -20.28 20.43 -13.83
C2 A1D8K E . -15.62 12.86 -22.55
C20 A1D8K E . -20.83 21.43 -12.85
C21 A1D8K E . -22.23 21.88 -13.20
C22 A1D8K E . -22.74 22.67 -12.05
C23 A1D8K E . -21.77 24.41 -10.90
C24 A1D8K E . -21.33 19.70 -15.96
C25 A1D8K E . -22.61 19.19 -16.57
C26 A1D8K E . -23.82 19.83 -16.35
C27 A1D8K E . -24.96 19.31 -16.93
C28 A1D8K E . -24.87 18.18 -17.69
C29 A1D8K E . -23.65 17.60 -17.85
C3 A1D8K E . -15.12 14.19 -22.04
C4 A1D8K E . -15.66 15.32 -22.89
C5 A1D8K E . -15.16 15.18 -24.31
C6 A1D8K E . -14.45 13.84 -24.49
C7 A1D8K E . -14.88 16.54 -20.91
C8 A1D8K E . -13.68 17.43 -20.62
C9 A1D8K E . -14.01 18.64 -19.78
N1 A1D8K E . -15.26 16.61 -22.31
N2 A1D8K E . -13.49 18.52 -18.41
N3 A1D8K E . -18.21 19.58 -12.91
N4 A1D8K E . -21.61 23.20 -11.31
N5 A1D8K E . -22.95 25.04 -10.91
N6 A1D8K E . -20.71 25.06 -10.43
N7 A1D8K E . -21.44 19.89 -14.52
N8 A1D8K E . -22.51 18.09 -17.30
O1 A1D8K E . -20.05 18.32 -12.77
#